data_4X7V
#
_entry.id   4X7V
#
_cell.length_a   50.133
_cell.length_b   92.544
_cell.length_c   128.540
_cell.angle_alpha   90.00
_cell.angle_beta   90.00
_cell.angle_gamma   90.00
#
_symmetry.space_group_name_H-M   'P 21 21 21'
#
loop_
_entity.id
_entity.type
_entity.pdbx_description
1 polymer "Mycinamicin III 3''-O-methyltransferase"
2 non-polymer S-ADENOSYL-L-HOMOCYSTEINE
3 non-polymer 'MYCINAMICIN IV'
4 non-polymer 'MAGNESIUM ION'
5 water water
#
_entity_poly.entity_id   1
_entity_poly.type   'polypeptide(L)'
_entity_poly.pdbx_seq_one_letter_code
;MGSSHHHHHHSSGLVPRGSHMSPSTGVELYLDLLKRTVSNFIYQDATHVAGLITQAAFVEEARESGEDYPTVAHTMIGMK
RLNNLQHCVESALRDGVPGDVLETGVWRGGACIFARGILKAYDVRDRTVWVADSFQGFPKITDDDHPMDAEMNLHQYNAA
VDLPTSLATVQRNFSRYGLLDDQVRFLPGWFKDTMPTAPFERLAVLRMDGDSYGATMDVLTHAYPRLSPGGFAIIDDYCI
PACREAVHEYRDRHGISDEIVEIDRQGVYWRRSA
;
_entity_poly.pdbx_strand_id   A,B
#
# COMPACT_ATOMS: atom_id res chain seq x y z
N PRO A 23 -12.96 -5.04 -8.22
CA PRO A 23 -13.27 -5.06 -6.78
C PRO A 23 -14.25 -3.95 -6.40
N SER A 24 -15.31 -4.31 -5.66
CA SER A 24 -16.30 -3.33 -5.23
C SER A 24 -16.61 -3.44 -3.73
N THR A 25 -16.62 -4.65 -3.19
CA THR A 25 -16.86 -4.80 -1.76
C THR A 25 -15.59 -4.42 -1.00
N GLY A 26 -15.74 -4.19 0.30
CA GLY A 26 -14.60 -3.87 1.15
C GLY A 26 -13.53 -4.95 1.10
N VAL A 27 -13.94 -6.21 1.21
CA VAL A 27 -12.99 -7.31 1.12
C VAL A 27 -12.24 -7.31 -0.21
N GLU A 28 -12.97 -7.18 -1.31
CA GLU A 28 -12.34 -7.17 -2.63
C GLU A 28 -11.35 -6.02 -2.78
N LEU A 29 -11.75 -4.83 -2.30
CA LEU A 29 -10.88 -3.65 -2.35
C LEU A 29 -9.64 -3.84 -1.50
N TYR A 30 -9.82 -4.40 -0.31
CA TYR A 30 -8.68 -4.65 0.58
C TYR A 30 -7.69 -5.63 -0.01
N LEU A 31 -8.16 -6.78 -0.48
CA LEU A 31 -7.24 -7.79 -0.99
C LEU A 31 -6.57 -7.32 -2.28
N ASP A 32 -7.30 -6.59 -3.11
CA ASP A 32 -6.71 -6.01 -4.32
C ASP A 32 -5.56 -5.06 -3.96
N LEU A 33 -5.82 -4.19 -3.00
CA LEU A 33 -4.81 -3.21 -2.61
C LEU A 33 -3.64 -3.92 -1.95
N LEU A 34 -3.93 -4.98 -1.19
CA LEU A 34 -2.88 -5.67 -0.46
C LEU A 34 -1.91 -6.33 -1.46
N LYS A 35 -2.46 -6.90 -2.54
CA LYS A 35 -1.63 -7.47 -3.60
C LYS A 35 -0.76 -6.40 -4.25
N ARG A 36 -1.38 -5.26 -4.57
CA ARG A 36 -0.67 -4.15 -5.20
C ARG A 36 0.41 -3.59 -4.30
N THR A 37 0.21 -3.71 -2.99
CA THR A 37 1.14 -3.13 -2.04
C THR A 37 2.32 -4.06 -1.74
N VAL A 38 2.07 -5.34 -1.49
CA VAL A 38 3.19 -6.25 -1.22
C VAL A 38 4.09 -6.43 -2.44
N SER A 39 3.53 -6.32 -3.65
CA SER A 39 4.32 -6.39 -4.89
C SER A 39 4.82 -5.01 -5.29
N ASN A 40 4.38 -4.01 -4.54
CA ASN A 40 4.68 -2.59 -4.76
C ASN A 40 4.47 -2.09 -6.21
N PHE A 41 3.32 -2.40 -6.81
CA PHE A 41 2.93 -1.55 -7.94
C PHE A 41 2.61 -0.13 -7.55
N ILE A 42 2.45 0.13 -6.26
CA ILE A 42 2.11 1.48 -5.84
C ILE A 42 3.28 2.45 -6.08
N TYR A 43 4.48 2.09 -5.63
CA TYR A 43 5.60 3.00 -5.79
C TYR A 43 6.66 2.53 -6.81
N GLN A 44 6.52 1.28 -7.22
CA GLN A 44 7.25 0.70 -8.35
C GLN A 44 8.77 0.84 -8.21
N ASP A 45 9.31 0.14 -7.22
CA ASP A 45 10.75 0.10 -7.01
C ASP A 45 11.53 -0.57 -8.10
N ALA A 46 12.77 -0.12 -8.26
CA ALA A 46 13.73 -0.75 -9.15
C ALA A 46 13.95 -2.22 -8.81
N THR A 47 14.39 -2.98 -9.81
CA THR A 47 14.82 -4.35 -9.61
C THR A 47 16.33 -4.45 -9.49
N HIS A 48 16.79 -5.46 -8.75
CA HIS A 48 18.21 -5.81 -8.82
C HIS A 48 18.53 -6.29 -10.22
N VAL A 49 19.77 -6.11 -10.64
CA VAL A 49 20.27 -6.64 -11.89
C VAL A 49 20.92 -7.99 -11.65
N ALA A 50 20.28 -9.05 -12.12
CA ALA A 50 20.77 -10.40 -11.92
C ALA A 50 20.03 -11.35 -12.85
N GLY A 51 20.65 -12.50 -13.15
CA GLY A 51 20.07 -13.45 -14.06
C GLY A 51 19.75 -12.85 -15.41
N LEU A 52 18.48 -12.96 -15.81
CA LEU A 52 18.04 -12.47 -17.11
C LEU A 52 17.67 -10.98 -17.06
N ILE A 53 17.55 -10.44 -15.85
CA ILE A 53 17.27 -9.02 -15.67
C ILE A 53 18.56 -8.21 -15.82
N THR A 54 18.65 -7.42 -16.89
CA THR A 54 19.89 -6.72 -17.21
C THR A 54 19.81 -5.21 -16.98
N GLN A 55 18.63 -4.73 -16.63
CA GLN A 55 18.41 -3.32 -16.35
C GLN A 55 17.69 -3.15 -15.01
N ALA A 56 17.93 -2.05 -14.32
CA ALA A 56 17.35 -1.83 -12.99
C ALA A 56 15.91 -1.29 -13.03
N ALA A 57 15.51 -0.70 -14.14
CA ALA A 57 14.23 -0.01 -14.20
C ALA A 57 13.05 -0.93 -13.91
N PHE A 58 12.06 -0.38 -13.20
CA PHE A 58 10.81 -1.09 -13.00
C PHE A 58 10.17 -1.34 -14.36
N VAL A 59 9.76 -2.59 -14.61
CA VAL A 59 9.00 -2.93 -15.81
C VAL A 59 7.69 -3.57 -15.37
N GLU A 60 6.58 -2.96 -15.77
N GLU A 60 6.57 -2.98 -15.78
CA GLU A 60 5.25 -3.41 -15.36
CA GLU A 60 5.26 -3.42 -15.30
C GLU A 60 5.04 -4.90 -15.58
C GLU A 60 5.01 -4.90 -15.58
N GLU A 61 5.31 -5.34 -16.80
CA GLU A 61 5.08 -6.73 -17.18
C GLU A 61 5.91 -7.71 -16.34
N ALA A 62 7.12 -7.30 -15.96
CA ALA A 62 7.97 -8.15 -15.14
C ALA A 62 7.42 -8.30 -13.73
N ARG A 63 6.91 -7.21 -13.17
CA ARG A 63 6.38 -7.27 -11.81
C ARG A 63 5.03 -7.99 -11.85
N GLU A 64 4.26 -7.81 -12.93
CA GLU A 64 3.00 -8.51 -13.10
C GLU A 64 3.17 -10.03 -13.06
N SER A 65 4.23 -10.53 -13.68
N SER A 65 4.24 -10.51 -13.67
CA SER A 65 4.43 -11.98 -13.74
CA SER A 65 4.48 -11.95 -13.79
C SER A 65 5.53 -12.45 -12.80
C SER A 65 5.46 -12.47 -12.74
N GLY A 66 5.95 -11.57 -11.88
CA GLY A 66 6.90 -11.95 -10.85
C GLY A 66 8.26 -12.40 -11.34
N GLU A 67 8.78 -11.71 -12.36
CA GLU A 67 10.01 -12.16 -12.99
C GLU A 67 11.22 -11.31 -12.65
N ASP A 68 11.02 -10.25 -11.86
CA ASP A 68 12.17 -9.44 -11.44
C ASP A 68 12.51 -9.68 -9.96
N TYR A 69 13.42 -8.86 -9.46
CA TYR A 69 14.05 -9.05 -8.15
C TYR A 69 13.96 -7.73 -7.40
N PRO A 70 12.79 -7.45 -6.81
CA PRO A 70 12.54 -6.10 -6.29
C PRO A 70 13.55 -5.62 -5.25
N THR A 71 14.00 -4.38 -5.38
CA THR A 71 14.93 -3.83 -4.40
C THR A 71 14.22 -3.53 -3.08
N VAL A 72 12.92 -3.28 -3.11
CA VAL A 72 12.18 -2.84 -1.93
C VAL A 72 10.92 -3.68 -1.64
N ALA A 73 10.23 -4.12 -2.68
CA ALA A 73 8.94 -4.81 -2.50
C ALA A 73 9.06 -6.03 -1.58
N HIS A 74 7.99 -6.34 -0.86
CA HIS A 74 7.99 -7.42 0.13
C HIS A 74 7.79 -8.82 -0.44
N THR A 75 7.30 -8.93 -1.67
CA THR A 75 7.30 -10.22 -2.39
C THR A 75 7.84 -10.05 -3.79
N MET A 76 8.48 -11.12 -4.29
CA MET A 76 8.88 -11.16 -5.69
C MET A 76 8.03 -12.10 -6.55
N ILE A 77 6.93 -12.62 -6.02
CA ILE A 77 6.21 -13.65 -6.78
C ILE A 77 5.28 -13.04 -7.85
N GLY A 78 5.02 -11.74 -7.77
CA GLY A 78 4.25 -11.08 -8.81
C GLY A 78 2.75 -11.22 -8.68
N MET A 79 2.02 -10.49 -9.52
N MET A 79 2.02 -10.47 -9.50
CA MET A 79 0.56 -10.43 -9.41
CA MET A 79 0.57 -10.44 -9.41
C MET A 79 -0.12 -11.74 -9.79
C MET A 79 -0.11 -11.75 -9.77
N LYS A 80 0.38 -12.44 -10.79
CA LYS A 80 -0.28 -13.69 -11.22
C LYS A 80 -0.19 -14.75 -10.13
N ARG A 81 0.97 -14.91 -9.50
CA ARG A 81 1.07 -15.85 -8.40
C ARG A 81 0.42 -15.35 -7.08
N LEU A 82 0.33 -14.04 -6.86
CA LEU A 82 -0.51 -13.56 -5.75
C LEU A 82 -1.98 -13.90 -6.01
N ASN A 83 -2.44 -13.70 -7.25
CA ASN A 83 -3.81 -14.06 -7.61
C ASN A 83 -4.03 -15.55 -7.39
N ASN A 84 -3.05 -16.37 -7.76
CA ASN A 84 -3.16 -17.81 -7.50
C ASN A 84 -3.23 -18.16 -6.04
N LEU A 85 -2.42 -17.50 -5.23
CA LEU A 85 -2.48 -17.76 -3.81
C LEU A 85 -3.86 -17.40 -3.25
N GLN A 86 -4.42 -16.29 -3.72
CA GLN A 86 -5.76 -15.87 -3.28
C GLN A 86 -6.82 -16.90 -3.70
N HIS A 87 -6.74 -17.36 -4.95
CA HIS A 87 -7.61 -18.42 -5.44
C HIS A 87 -7.58 -19.67 -4.56
N CYS A 88 -6.40 -20.12 -4.22
CA CYS A 88 -6.25 -21.35 -3.44
C CYS A 88 -6.79 -21.17 -2.02
N VAL A 89 -6.46 -20.05 -1.38
CA VAL A 89 -6.93 -19.85 -0.01
C VAL A 89 -8.44 -19.68 0.01
N GLU A 90 -8.97 -18.84 -0.88
CA GLU A 90 -10.42 -18.66 -0.95
C GLU A 90 -11.16 -19.95 -1.30
N SER A 91 -10.61 -20.77 -2.19
CA SER A 91 -11.25 -22.06 -2.52
C SER A 91 -11.28 -22.98 -1.30
N ALA A 92 -10.19 -23.00 -0.56
CA ALA A 92 -10.11 -23.83 0.65
C ALA A 92 -11.14 -23.37 1.67
N LEU A 93 -11.26 -22.07 1.87
CA LEU A 93 -12.24 -21.52 2.79
C LEU A 93 -13.65 -21.85 2.33
N ARG A 94 -13.91 -21.63 1.04
CA ARG A 94 -15.23 -21.84 0.46
C ARG A 94 -15.67 -23.29 0.59
N ASP A 95 -14.75 -24.20 0.31
CA ASP A 95 -15.08 -25.62 0.23
C ASP A 95 -14.90 -26.35 1.55
N GLY A 96 -14.49 -25.62 2.59
CA GLY A 96 -14.32 -26.22 3.91
C GLY A 96 -13.17 -27.21 3.99
N VAL A 97 -12.12 -26.96 3.23
CA VAL A 97 -10.91 -27.77 3.32
C VAL A 97 -10.19 -27.40 4.61
N PRO A 98 -10.00 -28.38 5.50
CA PRO A 98 -9.37 -28.07 6.80
C PRO A 98 -7.91 -27.70 6.69
N GLY A 99 -7.44 -26.81 7.56
CA GLY A 99 -6.02 -26.64 7.72
C GLY A 99 -5.45 -25.24 7.57
N ASP A 100 -4.15 -25.17 7.81
CA ASP A 100 -3.40 -23.92 7.83
C ASP A 100 -2.79 -23.59 6.47
N VAL A 101 -2.12 -22.45 6.39
CA VAL A 101 -1.36 -22.09 5.20
C VAL A 101 0.12 -22.10 5.56
N LEU A 102 0.92 -22.79 4.76
CA LEU A 102 2.38 -22.82 4.94
C LEU A 102 3.09 -22.34 3.69
N GLU A 103 4.00 -21.38 3.83
CA GLU A 103 4.90 -21.08 2.72
C GLU A 103 6.30 -21.48 3.15
N THR A 104 6.96 -22.26 2.32
CA THR A 104 8.35 -22.63 2.55
C THR A 104 9.27 -21.83 1.60
N GLY A 105 9.87 -20.78 2.13
CA GLY A 105 10.67 -19.85 1.36
C GLY A 105 9.90 -18.55 1.23
N VAL A 106 10.19 -17.60 2.11
CA VAL A 106 9.30 -16.45 2.27
C VAL A 106 9.95 -15.11 1.95
N TRP A 107 11.28 -15.09 1.90
CA TRP A 107 12.07 -13.86 1.68
C TRP A 107 11.61 -12.74 2.62
N ARG A 108 11.12 -11.62 2.10
CA ARG A 108 10.73 -10.51 2.96
C ARG A 108 9.34 -10.67 3.56
N GLY A 109 8.64 -11.72 3.15
CA GLY A 109 7.39 -12.10 3.78
C GLY A 109 6.10 -11.73 3.06
N GLY A 110 6.21 -11.06 1.92
CA GLY A 110 5.04 -10.48 1.27
C GLY A 110 3.91 -11.45 0.93
N ALA A 111 4.26 -12.65 0.49
CA ALA A 111 3.25 -13.64 0.14
C ALA A 111 2.55 -14.11 1.40
N CYS A 112 3.29 -14.30 2.48
CA CYS A 112 2.68 -14.70 3.75
C CYS A 112 1.88 -13.59 4.41
N ILE A 113 2.33 -12.35 4.24
CA ILE A 113 1.55 -11.19 4.68
C ILE A 113 0.22 -11.19 3.94
N PHE A 114 0.27 -11.39 2.63
CA PHE A 114 -0.97 -11.44 1.86
C PHE A 114 -1.87 -12.61 2.32
N ALA A 115 -1.29 -13.78 2.56
CA ALA A 115 -2.07 -14.91 3.07
C ALA A 115 -2.77 -14.57 4.39
N ARG A 116 -2.04 -13.94 5.32
CA ARG A 116 -2.64 -13.55 6.59
C ARG A 116 -3.77 -12.55 6.36
N GLY A 117 -3.57 -11.64 5.40
CA GLY A 117 -4.58 -10.66 5.06
C GLY A 117 -5.85 -11.28 4.51
N ILE A 118 -5.71 -12.35 3.73
CA ILE A 118 -6.88 -13.04 3.22
C ILE A 118 -7.71 -13.57 4.40
N LEU A 119 -7.05 -14.22 5.34
CA LEU A 119 -7.76 -14.75 6.50
C LEU A 119 -8.41 -13.62 7.31
N LYS A 120 -7.68 -12.50 7.41
CA LYS A 120 -8.13 -11.33 8.15
C LYS A 120 -9.41 -10.77 7.51
N ALA A 121 -9.38 -10.69 6.18
CA ALA A 121 -10.49 -10.14 5.41
C ALA A 121 -11.79 -10.90 5.62
N TYR A 122 -11.70 -12.22 5.75
CA TYR A 122 -12.88 -13.05 5.96
C TYR A 122 -13.10 -13.39 7.44
N ASP A 123 -12.37 -12.71 8.31
CA ASP A 123 -12.50 -12.85 9.77
C ASP A 123 -12.36 -14.32 10.16
N VAL A 124 -11.37 -14.98 9.57
CA VAL A 124 -11.08 -16.37 9.91
C VAL A 124 -10.17 -16.41 11.12
N ARG A 125 -10.65 -17.03 12.20
CA ARG A 125 -9.92 -17.01 13.46
C ARG A 125 -9.31 -18.36 13.84
N ASP A 126 -9.51 -19.37 13.00
CA ASP A 126 -9.08 -20.72 13.37
C ASP A 126 -8.11 -21.35 12.36
N ARG A 127 -7.40 -20.51 11.62
CA ARG A 127 -6.35 -20.98 10.72
C ARG A 127 -5.13 -20.11 10.93
N THR A 128 -3.96 -20.71 10.74
CA THR A 128 -2.68 -20.03 10.96
C THR A 128 -1.89 -19.96 9.66
N VAL A 129 -1.13 -18.88 9.50
CA VAL A 129 -0.15 -18.78 8.43
C VAL A 129 1.23 -19.10 9.00
N TRP A 130 1.83 -20.18 8.48
CA TRP A 130 3.15 -20.64 8.91
C TRP A 130 4.21 -20.11 7.95
N VAL A 131 5.21 -19.46 8.51
CA VAL A 131 6.21 -18.74 7.76
C VAL A 131 7.56 -19.44 7.94
N ALA A 132 7.96 -20.24 6.96
CA ALA A 132 9.14 -21.10 7.13
C ALA A 132 10.29 -20.66 6.24
N ASP A 133 11.47 -20.47 6.83
CA ASP A 133 12.61 -20.02 6.05
C ASP A 133 13.87 -20.16 6.90
N SER A 134 15.02 -20.28 6.25
CA SER A 134 16.28 -20.23 6.97
C SER A 134 16.49 -18.85 7.59
N PHE A 135 15.86 -17.85 6.97
CA PHE A 135 16.07 -16.43 7.26
C PHE A 135 17.54 -16.07 7.07
N GLN A 136 18.20 -16.82 6.19
CA GLN A 136 19.62 -16.66 5.90
C GLN A 136 19.91 -16.78 4.41
N GLY A 137 18.87 -16.88 3.58
CA GLY A 137 19.08 -17.06 2.15
C GLY A 137 19.33 -18.52 1.80
N PHE A 138 19.80 -18.75 0.57
CA PHE A 138 20.10 -20.11 0.12
C PHE A 138 21.27 -20.70 0.90
N PRO A 139 21.25 -22.03 1.10
CA PRO A 139 22.32 -22.69 1.86
C PRO A 139 23.60 -22.88 1.05
N LYS A 140 24.73 -22.90 1.73
CA LYS A 140 25.99 -23.29 1.11
C LYS A 140 25.90 -24.74 0.64
N ILE A 141 26.38 -24.99 -0.57
CA ILE A 141 26.40 -26.33 -1.15
C ILE A 141 27.47 -27.22 -0.50
N THR A 142 27.11 -28.47 -0.20
CA THR A 142 28.09 -29.46 0.22
C THR A 142 27.94 -30.72 -0.63
N ASP A 143 28.77 -31.72 -0.38
CA ASP A 143 28.66 -32.98 -1.10
C ASP A 143 27.37 -33.76 -0.83
N ASP A 144 26.56 -33.30 0.12
CA ASP A 144 25.26 -33.93 0.39
C ASP A 144 24.18 -33.51 -0.59
N ASP A 145 24.41 -32.41 -1.30
CA ASP A 145 23.45 -31.85 -2.25
C ASP A 145 23.30 -32.62 -3.55
N HIS A 146 22.08 -32.61 -4.07
CA HIS A 146 21.78 -33.14 -5.39
C HIS A 146 22.69 -32.47 -6.41
N PRO A 147 23.21 -33.25 -7.38
CA PRO A 147 24.13 -32.67 -8.38
C PRO A 147 23.57 -31.45 -9.09
N MET A 148 22.26 -31.44 -9.35
CA MET A 148 21.67 -30.30 -10.02
C MET A 148 21.69 -29.06 -9.13
N ASP A 149 21.51 -29.27 -7.82
CA ASP A 149 21.59 -28.14 -6.89
C ASP A 149 23.01 -27.64 -6.77
N ALA A 150 23.96 -28.57 -6.75
CA ALA A 150 25.37 -28.21 -6.64
C ALA A 150 25.81 -27.38 -7.83
N GLU A 151 25.42 -27.81 -9.03
CA GLU A 151 25.82 -27.09 -10.24
C GLU A 151 25.19 -25.70 -10.27
N MET A 152 23.91 -25.64 -9.94
CA MET A 152 23.18 -24.39 -9.98
C MET A 152 23.70 -23.43 -8.89
N ASN A 153 24.07 -23.98 -7.74
CA ASN A 153 24.62 -23.21 -6.62
C ASN A 153 23.89 -21.91 -6.35
N LEU A 154 22.62 -22.01 -5.98
CA LEU A 154 21.80 -20.82 -5.72
C LEU A 154 22.43 -19.86 -4.70
N HIS A 155 23.17 -20.40 -3.75
CA HIS A 155 23.93 -19.63 -2.75
C HIS A 155 24.69 -18.45 -3.33
N GLN A 156 25.20 -18.60 -4.55
CA GLN A 156 26.00 -17.53 -5.10
C GLN A 156 25.19 -16.28 -5.41
N TYR A 157 23.84 -16.30 -5.38
CA TYR A 157 23.25 -14.99 -5.69
C TYR A 157 22.53 -14.41 -4.48
N ASN A 158 22.82 -14.92 -3.27
CA ASN A 158 22.21 -14.33 -2.07
C ASN A 158 22.34 -12.82 -2.00
N ALA A 159 23.55 -12.29 -2.11
CA ALA A 159 23.73 -10.85 -2.01
C ALA A 159 23.13 -10.12 -3.20
N ALA A 160 23.23 -10.73 -4.38
CA ALA A 160 22.82 -10.07 -5.62
C ALA A 160 21.35 -9.68 -5.64
N VAL A 161 20.49 -10.47 -4.99
CA VAL A 161 19.07 -10.14 -4.95
C VAL A 161 18.60 -9.87 -3.52
N ASP A 162 19.56 -9.62 -2.64
CA ASP A 162 19.31 -9.27 -1.23
C ASP A 162 18.39 -10.31 -0.58
N LEU A 163 18.76 -11.58 -0.74
CA LEU A 163 17.85 -12.64 -0.37
C LEU A 163 17.86 -12.91 1.17
N PRO A 164 19.04 -12.95 1.82
CA PRO A 164 19.03 -13.18 3.27
C PRO A 164 18.23 -12.11 4.00
N THR A 165 17.16 -12.53 4.67
CA THR A 165 16.26 -11.61 5.33
C THR A 165 15.92 -12.20 6.69
N SER A 166 16.26 -11.49 7.76
CA SER A 166 16.14 -12.05 9.10
C SER A 166 14.69 -12.20 9.54
N LEU A 167 14.49 -13.08 10.52
CA LEU A 167 13.19 -13.24 11.15
C LEU A 167 12.65 -11.92 11.68
N ALA A 168 13.51 -11.16 12.35
CA ALA A 168 13.14 -9.85 12.89
C ALA A 168 12.63 -8.92 11.78
N THR A 169 13.29 -8.92 10.63
CA THR A 169 12.86 -8.08 9.52
C THR A 169 11.50 -8.52 8.99
N VAL A 170 11.30 -9.82 8.83
CA VAL A 170 10.02 -10.32 8.35
C VAL A 170 8.90 -9.96 9.33
N GLN A 171 9.15 -10.10 10.64
CA GLN A 171 8.19 -9.71 11.66
C GLN A 171 7.88 -8.21 11.57
N ARG A 172 8.93 -7.40 11.44
CA ARG A 172 8.81 -5.95 11.18
C ARG A 172 7.84 -5.70 10.04
N ASN A 173 8.03 -6.44 8.95
CA ASN A 173 7.22 -6.23 7.76
C ASN A 173 5.76 -6.60 8.02
N PHE A 174 5.46 -7.72 8.70
CA PHE A 174 4.05 -7.97 8.97
C PHE A 174 3.44 -6.84 9.79
N SER A 175 4.18 -6.34 10.78
N SER A 175 4.18 -6.34 10.77
CA SER A 175 3.66 -5.29 11.66
CA SER A 175 3.67 -5.30 11.65
C SER A 175 3.28 -4.05 10.89
C SER A 175 3.28 -4.05 10.88
N ARG A 176 4.02 -3.75 9.81
CA ARG A 176 3.71 -2.57 9.02
C ARG A 176 2.33 -2.61 8.35
N TYR A 177 1.73 -3.79 8.14
CA TYR A 177 0.39 -3.76 7.58
C TYR A 177 -0.61 -4.14 8.67
N GLY A 178 -0.14 -4.20 9.92
CA GLY A 178 -1.00 -4.55 11.04
C GLY A 178 -1.45 -5.99 11.06
N LEU A 179 -0.61 -6.89 10.54
CA LEU A 179 -0.96 -8.30 10.40
C LEU A 179 -0.04 -9.23 11.18
N LEU A 180 0.72 -8.69 12.13
CA LEU A 180 1.54 -9.54 12.99
C LEU A 180 0.71 -9.89 14.23
N ASP A 181 0.23 -11.13 14.30
CA ASP A 181 -0.53 -11.57 15.46
C ASP A 181 -0.33 -13.07 15.69
N ASP A 182 -1.09 -13.65 16.60
CA ASP A 182 -0.86 -15.05 17.00
C ASP A 182 -1.31 -16.06 15.93
N GLN A 183 -1.94 -15.58 14.86
CA GLN A 183 -2.23 -16.43 13.71
C GLN A 183 -1.13 -16.40 12.66
N VAL A 184 0.01 -15.81 13.01
CA VAL A 184 1.21 -15.91 12.20
C VAL A 184 2.27 -16.61 13.05
N ARG A 185 2.75 -17.77 12.59
CA ARG A 185 3.78 -18.49 13.33
C ARG A 185 4.97 -18.74 12.44
N PHE A 186 6.16 -18.74 13.04
CA PHE A 186 7.40 -18.78 12.28
C PHE A 186 8.15 -20.08 12.52
N LEU A 187 8.79 -20.55 11.47
CA LEU A 187 9.56 -21.80 11.50
C LEU A 187 10.95 -21.51 10.99
N PRO A 188 11.81 -20.95 11.86
CA PRO A 188 13.16 -20.59 11.43
C PRO A 188 14.08 -21.80 11.36
N GLY A 189 14.75 -21.97 10.21
CA GLY A 189 15.75 -23.01 10.06
C GLY A 189 15.71 -23.61 8.68
N TRP A 190 16.61 -24.56 8.42
CA TRP A 190 16.63 -25.24 7.13
C TRP A 190 15.46 -26.22 7.09
N PHE A 191 14.80 -26.33 5.95
CA PHE A 191 13.60 -27.16 5.83
C PHE A 191 13.83 -28.61 6.26
N LYS A 192 15.01 -29.16 6.01
CA LYS A 192 15.25 -30.57 6.35
C LYS A 192 15.19 -30.75 7.86
N ASP A 193 15.44 -29.64 8.58
CA ASP A 193 15.47 -29.62 10.04
C ASP A 193 14.11 -29.26 10.63
N THR A 194 13.42 -28.31 10.01
CA THR A 194 12.20 -27.77 10.61
C THR A 194 10.93 -28.50 10.23
N MET A 195 10.89 -29.06 9.02
CA MET A 195 9.64 -29.64 8.54
C MET A 195 9.19 -30.94 9.24
N PRO A 196 10.11 -31.89 9.52
CA PRO A 196 9.59 -33.16 10.05
C PRO A 196 8.79 -33.01 11.34
N THR A 197 9.18 -32.11 12.22
CA THR A 197 8.47 -31.96 13.49
C THR A 197 7.78 -30.62 13.64
N ALA A 198 7.55 -29.92 12.53
CA ALA A 198 6.81 -28.66 12.57
C ALA A 198 5.45 -28.90 13.23
N PRO A 199 5.03 -28.00 14.11
CA PRO A 199 3.85 -28.32 14.93
C PRO A 199 2.49 -27.93 14.32
N PHE A 200 2.34 -28.02 13.00
CA PHE A 200 1.00 -27.97 12.43
C PHE A 200 0.48 -29.38 12.19
N GLU A 201 -0.84 -29.55 12.26
CA GLU A 201 -1.44 -30.86 12.06
C GLU A 201 -2.00 -31.04 10.66
N ARG A 202 -2.54 -29.97 10.09
CA ARG A 202 -3.19 -30.05 8.78
C ARG A 202 -2.92 -28.78 7.98
N LEU A 203 -2.76 -28.94 6.67
CA LEU A 203 -2.60 -27.80 5.78
C LEU A 203 -3.71 -27.77 4.76
N ALA A 204 -4.20 -26.56 4.46
CA ALA A 204 -5.12 -26.36 3.34
C ALA A 204 -4.39 -25.85 2.11
N VAL A 205 -3.29 -25.11 2.33
CA VAL A 205 -2.46 -24.63 1.23
C VAL A 205 -0.99 -24.80 1.61
N LEU A 206 -0.24 -25.47 0.75
CA LEU A 206 1.20 -25.66 0.89
C LEU A 206 1.89 -24.96 -0.25
N ARG A 207 2.58 -23.86 0.04
CA ARG A 207 3.19 -23.05 -1.00
C ARG A 207 4.70 -23.19 -0.93
N MET A 208 5.28 -23.79 -1.94
CA MET A 208 6.70 -24.12 -1.97
C MET A 208 7.47 -23.15 -2.84
N ASP A 209 8.45 -22.46 -2.26
CA ASP A 209 9.17 -21.43 -3.00
C ASP A 209 10.63 -21.41 -2.51
N GLY A 210 11.26 -22.59 -2.57
CA GLY A 210 12.64 -22.75 -2.15
C GLY A 210 13.62 -23.09 -3.26
N ASP A 211 13.12 -23.20 -4.50
CA ASP A 211 13.95 -23.19 -5.73
C ASP A 211 14.66 -24.50 -6.06
N SER A 212 15.26 -25.13 -5.06
CA SER A 212 16.14 -26.26 -5.30
C SER A 212 15.44 -27.61 -5.26
N TYR A 213 16.11 -28.61 -5.80
CA TYR A 213 15.68 -29.99 -5.62
C TYR A 213 15.52 -30.26 -4.12
N GLY A 214 16.57 -29.91 -3.38
CA GLY A 214 16.62 -30.18 -1.96
C GLY A 214 15.47 -29.57 -1.16
N ALA A 215 15.25 -28.27 -1.34
CA ALA A 215 14.21 -27.58 -0.59
C ALA A 215 12.82 -28.11 -0.97
N THR A 216 12.66 -28.47 -2.24
CA THR A 216 11.40 -28.95 -2.75
C THR A 216 11.14 -30.35 -2.19
N MET A 217 12.14 -31.22 -2.27
CA MET A 217 12.00 -32.58 -1.78
C MET A 217 11.87 -32.61 -0.24
N ASP A 218 12.58 -31.73 0.45
CA ASP A 218 12.42 -31.62 1.91
C ASP A 218 10.97 -31.38 2.29
N VAL A 219 10.34 -30.43 1.60
CA VAL A 219 9.01 -30.01 1.99
C VAL A 219 7.94 -30.97 1.49
N LEU A 220 8.08 -31.48 0.28
CA LEU A 220 7.16 -32.52 -0.16
C LEU A 220 7.23 -33.72 0.76
N THR A 221 8.44 -34.18 1.07
CA THR A 221 8.58 -35.35 1.95
C THR A 221 7.93 -35.13 3.31
N HIS A 222 8.20 -34.00 3.93
CA HIS A 222 7.83 -33.85 5.33
C HIS A 222 6.58 -33.03 5.62
N ALA A 223 6.13 -32.20 4.67
CA ALA A 223 4.92 -31.41 4.91
C ALA A 223 3.73 -31.84 4.05
N TYR A 224 3.97 -32.31 2.82
CA TYR A 224 2.86 -32.66 1.94
C TYR A 224 1.88 -33.70 2.53
N PRO A 225 2.38 -34.70 3.29
CA PRO A 225 1.39 -35.66 3.83
C PRO A 225 0.32 -35.02 4.73
N ARG A 226 0.59 -33.85 5.29
CA ARG A 226 -0.40 -33.13 6.07
C ARG A 226 -1.31 -32.21 5.27
N LEU A 227 -1.15 -32.19 3.95
CA LEU A 227 -2.04 -31.41 3.12
C LEU A 227 -3.37 -32.15 2.98
N SER A 228 -4.45 -31.47 3.35
CA SER A 228 -5.79 -32.04 3.31
C SER A 228 -6.22 -32.41 1.91
N PRO A 229 -7.08 -33.44 1.78
CA PRO A 229 -7.72 -33.62 0.48
C PRO A 229 -8.49 -32.34 0.12
N GLY A 230 -8.38 -31.92 -1.13
CA GLY A 230 -8.97 -30.67 -1.55
C GLY A 230 -8.03 -29.50 -1.38
N GLY A 231 -6.91 -29.74 -0.70
CA GLY A 231 -5.90 -28.71 -0.48
C GLY A 231 -5.04 -28.47 -1.70
N PHE A 232 -4.27 -27.38 -1.65
CA PHE A 232 -3.50 -26.94 -2.81
C PHE A 232 -2.01 -27.02 -2.55
N ALA A 233 -1.29 -27.58 -3.51
CA ALA A 233 0.16 -27.62 -3.50
C ALA A 233 0.67 -26.72 -4.60
N ILE A 234 1.32 -25.62 -4.22
CA ILE A 234 1.83 -24.65 -5.17
C ILE A 234 3.33 -24.81 -5.29
N ILE A 235 3.82 -25.03 -6.51
CA ILE A 235 5.24 -25.10 -6.80
C ILE A 235 5.65 -23.80 -7.50
N ASP A 236 6.22 -22.87 -6.76
CA ASP A 236 6.53 -21.55 -7.32
C ASP A 236 7.56 -21.62 -8.43
N ASP A 237 8.51 -22.54 -8.27
CA ASP A 237 9.78 -22.54 -8.98
C ASP A 237 9.88 -23.65 -10.02
N TYR A 238 8.74 -24.06 -10.55
CA TYR A 238 8.65 -25.27 -11.38
C TYR A 238 9.46 -25.12 -12.68
N CYS A 239 9.71 -23.88 -13.10
CA CYS A 239 10.53 -23.63 -14.29
C CYS A 239 12.00 -24.00 -14.05
N ILE A 240 12.43 -24.13 -12.79
CA ILE A 240 13.81 -24.51 -12.51
C ILE A 240 13.94 -26.04 -12.59
N PRO A 241 14.86 -26.54 -13.44
CA PRO A 241 14.91 -27.99 -13.65
C PRO A 241 15.08 -28.80 -12.35
N ALA A 242 15.90 -28.34 -11.40
CA ALA A 242 16.10 -29.10 -10.16
C ALA A 242 14.81 -29.23 -9.36
N CYS A 243 14.05 -28.14 -9.30
CA CYS A 243 12.77 -28.13 -8.64
C CYS A 243 11.81 -29.12 -9.28
N ARG A 244 11.70 -29.02 -10.60
CA ARG A 244 10.80 -29.86 -11.36
C ARG A 244 11.19 -31.34 -11.19
N GLU A 245 12.47 -31.66 -11.14
CA GLU A 245 12.87 -33.05 -10.93
C GLU A 245 12.39 -33.59 -9.59
N ALA A 246 12.48 -32.76 -8.54
CA ALA A 246 11.97 -33.19 -7.25
C ALA A 246 10.47 -33.43 -7.29
N VAL A 247 9.74 -32.53 -7.94
CA VAL A 247 8.30 -32.67 -8.05
C VAL A 247 7.93 -34.00 -8.71
N HIS A 248 8.57 -34.31 -9.83
CA HIS A 248 8.18 -35.55 -10.50
C HIS A 248 8.66 -36.78 -9.76
N GLU A 249 9.84 -36.73 -9.15
CA GLU A 249 10.29 -37.86 -8.34
C GLU A 249 9.29 -38.15 -7.22
N TYR A 250 8.85 -37.10 -6.54
CA TYR A 250 7.96 -37.24 -5.41
C TYR A 250 6.60 -37.77 -5.86
N ARG A 251 6.05 -37.17 -6.91
CA ARG A 251 4.75 -37.61 -7.42
C ARG A 251 4.78 -39.06 -7.91
N ASP A 252 5.86 -39.47 -8.57
CA ASP A 252 6.01 -40.85 -9.01
C ASP A 252 6.02 -41.82 -7.83
N ARG A 253 6.80 -41.47 -6.81
CA ARG A 253 6.94 -42.32 -5.63
C ARG A 253 5.61 -42.56 -4.94
N HIS A 254 4.78 -41.52 -4.88
CA HIS A 254 3.54 -41.59 -4.12
C HIS A 254 2.31 -41.83 -4.99
N GLY A 255 2.51 -41.98 -6.29
CA GLY A 255 1.42 -42.29 -7.18
C GLY A 255 0.44 -41.14 -7.31
N ILE A 256 0.98 -39.92 -7.31
CA ILE A 256 0.17 -38.71 -7.41
C ILE A 256 0.00 -38.32 -8.89
N SER A 257 -1.24 -38.27 -9.35
CA SER A 257 -1.53 -37.96 -10.75
C SER A 257 -2.42 -36.73 -10.93
N ASP A 258 -2.56 -35.96 -9.87
CA ASP A 258 -3.37 -34.74 -9.89
C ASP A 258 -2.82 -33.75 -10.91
N GLU A 259 -3.70 -33.26 -11.79
CA GLU A 259 -3.34 -32.33 -12.86
C GLU A 259 -2.42 -31.20 -12.39
N ILE A 260 -1.30 -31.01 -13.09
CA ILE A 260 -0.40 -29.89 -12.82
C ILE A 260 -0.86 -28.71 -13.67
N VAL A 261 -1.32 -27.67 -12.99
CA VAL A 261 -1.93 -26.50 -13.65
C VAL A 261 -0.95 -25.33 -13.62
N GLU A 262 -0.71 -24.72 -14.79
CA GLU A 262 0.32 -23.70 -14.92
C GLU A 262 -0.28 -22.35 -14.54
N ILE A 263 0.50 -21.54 -13.82
CA ILE A 263 0.04 -20.22 -13.35
C ILE A 263 0.56 -19.11 -14.27
N ASP A 264 1.88 -19.10 -14.45
CA ASP A 264 2.56 -18.10 -15.27
C ASP A 264 3.78 -18.76 -15.88
N ARG A 265 4.87 -18.02 -16.05
N ARG A 265 4.87 -18.02 -16.05
CA ARG A 265 6.06 -18.62 -16.66
CA ARG A 265 6.07 -18.60 -16.66
C ARG A 265 6.95 -19.31 -15.63
C ARG A 265 6.97 -19.27 -15.63
N GLN A 266 6.57 -19.25 -14.36
CA GLN A 266 7.37 -19.89 -13.32
C GLN A 266 6.61 -20.94 -12.53
N GLY A 267 5.43 -20.59 -12.02
CA GLY A 267 4.74 -21.44 -11.09
C GLY A 267 3.67 -22.35 -11.64
N VAL A 268 3.44 -23.47 -10.93
CA VAL A 268 2.34 -24.39 -11.20
C VAL A 268 1.70 -24.77 -9.86
N TYR A 269 0.56 -25.42 -9.90
CA TYR A 269 -0.01 -25.99 -8.68
C TYR A 269 -0.80 -27.23 -9.01
N TRP A 270 -1.10 -28.05 -8.01
CA TRP A 270 -2.15 -29.04 -8.20
C TRP A 270 -3.04 -29.04 -6.98
N ARG A 271 -4.23 -29.61 -7.11
CA ARG A 271 -5.14 -29.73 -5.98
C ARG A 271 -5.20 -31.19 -5.59
N ARG A 272 -4.98 -31.48 -4.32
CA ARG A 272 -4.86 -32.86 -3.87
C ARG A 272 -6.22 -33.56 -3.90
N SER A 273 -6.32 -34.65 -4.66
CA SER A 273 -7.58 -35.36 -4.77
C SER A 273 -7.75 -36.37 -3.65
N ALA A 274 -6.64 -36.87 -3.12
CA ALA A 274 -6.67 -37.77 -1.98
C ALA A 274 -5.37 -37.70 -1.18
N PRO B 23 -9.46 -2.22 13.12
CA PRO B 23 -10.13 -2.54 11.86
C PRO B 23 -10.35 -4.05 11.69
N SER B 24 -11.58 -4.44 11.35
CA SER B 24 -11.89 -5.86 11.20
C SER B 24 -12.77 -6.16 9.99
N THR B 25 -13.62 -5.20 9.59
CA THR B 25 -14.44 -5.41 8.40
C THR B 25 -13.58 -5.16 7.16
N GLY B 26 -14.06 -5.60 6.00
CA GLY B 26 -13.38 -5.36 4.75
C GLY B 26 -13.16 -3.88 4.50
N VAL B 27 -14.19 -3.09 4.72
CA VAL B 27 -14.08 -1.64 4.57
C VAL B 27 -13.02 -1.05 5.49
N GLU B 28 -13.07 -1.41 6.77
CA GLU B 28 -12.11 -0.91 7.74
C GLU B 28 -10.67 -1.31 7.37
N LEU B 29 -10.49 -2.58 6.99
CA LEU B 29 -9.17 -3.06 6.57
C LEU B 29 -8.65 -2.32 5.34
N TYR B 30 -9.53 -2.14 4.35
CA TYR B 30 -9.15 -1.42 3.14
C TYR B 30 -8.72 0.01 3.42
N LEU B 31 -9.53 0.76 4.16
CA LEU B 31 -9.21 2.15 4.40
C LEU B 31 -7.98 2.29 5.30
N ASP B 32 -7.80 1.36 6.23
CA ASP B 32 -6.61 1.37 7.05
C ASP B 32 -5.36 1.16 6.20
N LEU B 33 -5.42 0.18 5.31
CA LEU B 33 -4.29 -0.10 4.45
C LEU B 33 -4.04 1.07 3.50
N LEU B 34 -5.12 1.70 3.03
CA LEU B 34 -4.97 2.76 2.05
C LEU B 34 -4.26 3.96 2.71
N LYS B 35 -4.57 4.24 3.98
CA LYS B 35 -3.84 5.28 4.72
C LYS B 35 -2.36 4.95 4.86
N ARG B 36 -2.08 3.72 5.25
CA ARG B 36 -0.72 3.24 5.43
C ARG B 36 0.07 3.29 4.14
N THR B 37 -0.63 3.15 3.01
CA THR B 37 0.02 3.07 1.72
C THR B 37 0.28 4.46 1.13
N VAL B 38 -0.71 5.35 1.14
CA VAL B 38 -0.49 6.68 0.56
C VAL B 38 0.55 7.46 1.38
N SER B 39 0.63 7.19 2.68
CA SER B 39 1.64 7.83 3.52
C SER B 39 2.95 7.02 3.56
N ASN B 40 2.89 5.84 2.94
CA ASN B 40 3.98 4.87 2.84
C ASN B 40 4.62 4.51 4.20
N PHE B 41 3.80 4.22 5.21
CA PHE B 41 4.35 3.44 6.33
C PHE B 41 4.75 2.04 5.91
N ILE B 42 4.34 1.60 4.71
CA ILE B 42 4.68 0.24 4.30
C ILE B 42 6.16 0.11 3.98
N TYR B 43 6.69 1.03 3.16
CA TYR B 43 8.09 0.91 2.80
C TYR B 43 8.99 1.99 3.39
N GLN B 44 8.35 3.01 3.98
CA GLN B 44 9.00 4.02 4.81
C GLN B 44 10.16 4.72 4.12
N ASP B 45 9.81 5.48 3.07
CA ASP B 45 10.79 6.27 2.34
C ASP B 45 11.43 7.38 3.16
N ALA B 46 12.65 7.72 2.78
CA ALA B 46 13.36 8.85 3.34
C ALA B 46 12.60 10.15 3.14
N THR B 47 12.90 11.12 4.00
CA THR B 47 12.41 12.48 3.84
C THR B 47 13.44 13.39 3.21
N HIS B 48 12.98 14.42 2.51
CA HIS B 48 13.88 15.49 2.13
C HIS B 48 14.37 16.19 3.39
N VAL B 49 15.58 16.74 3.33
CA VAL B 49 16.13 17.50 4.43
C VAL B 49 15.84 18.98 4.18
N ALA B 50 14.80 19.49 4.86
CA ALA B 50 14.33 20.85 4.67
C ALA B 50 13.60 21.29 5.92
N GLY B 51 13.43 22.60 6.07
CA GLY B 51 12.75 23.14 7.24
C GLY B 51 13.40 22.67 8.53
N LEU B 52 12.59 22.11 9.42
CA LEU B 52 13.08 21.64 10.71
C LEU B 52 13.56 20.19 10.65
N ILE B 53 13.42 19.56 9.50
CA ILE B 53 13.88 18.19 9.32
C ILE B 53 15.37 18.19 8.94
N THR B 54 16.21 17.63 9.80
CA THR B 54 17.67 17.76 9.66
C THR B 54 18.37 16.48 9.18
N GLN B 55 17.67 15.35 9.23
CA GLN B 55 18.16 14.05 8.71
C GLN B 55 17.24 13.51 7.63
N ALA B 56 17.77 12.68 6.74
CA ALA B 56 16.94 12.04 5.71
C ALA B 56 16.17 10.81 6.19
N ALA B 57 16.65 10.18 7.28
CA ALA B 57 16.08 8.92 7.73
C ALA B 57 14.59 9.02 8.05
N PHE B 58 13.85 7.98 7.65
CA PHE B 58 12.45 7.88 8.03
C PHE B 58 12.35 7.89 9.55
N VAL B 59 11.45 8.72 10.08
CA VAL B 59 11.16 8.73 11.51
C VAL B 59 9.66 8.49 11.68
N GLU B 60 9.30 7.42 12.38
CA GLU B 60 7.89 7.04 12.51
C GLU B 60 7.00 8.16 13.02
N GLU B 61 7.44 8.85 14.08
CA GLU B 61 6.60 9.90 14.63
C GLU B 61 6.37 11.03 13.66
N ALA B 62 7.37 11.33 12.85
CA ALA B 62 7.25 12.43 11.91
C ALA B 62 6.24 12.09 10.82
N ARG B 63 6.23 10.84 10.37
CA ARG B 63 5.29 10.47 9.32
C ARG B 63 3.90 10.30 9.94
N GLU B 64 3.84 9.83 11.19
CA GLU B 64 2.57 9.73 11.91
C GLU B 64 1.86 11.08 12.01
N SER B 65 2.63 12.14 12.21
N SER B 65 2.61 12.15 12.24
CA SER B 65 2.07 13.47 12.43
CA SER B 65 1.99 13.47 12.41
C SER B 65 2.11 14.34 11.18
C SER B 65 2.19 14.37 11.20
N GLY B 66 2.63 13.80 10.09
CA GLY B 66 2.73 14.51 8.83
C GLY B 66 3.70 15.68 8.85
N GLU B 67 4.84 15.51 9.50
CA GLU B 67 5.75 16.64 9.68
C GLU B 67 7.00 16.58 8.81
N ASP B 68 7.16 15.51 8.03
CA ASP B 68 8.32 15.42 7.13
C ASP B 68 7.89 15.65 5.67
N TYR B 69 8.82 15.40 4.76
CA TYR B 69 8.73 15.79 3.37
C TYR B 69 9.08 14.56 2.54
N PRO B 70 8.13 13.62 2.39
CA PRO B 70 8.49 12.30 1.83
C PRO B 70 9.10 12.36 0.44
N THR B 71 10.16 11.60 0.24
CA THR B 71 10.79 11.55 -1.08
C THR B 71 9.94 10.77 -2.08
N VAL B 72 9.11 9.85 -1.57
CA VAL B 72 8.36 8.94 -2.45
C VAL B 72 6.85 8.89 -2.14
N ALA B 73 6.48 9.00 -0.86
CA ALA B 73 5.08 8.86 -0.49
C ALA B 73 4.16 9.81 -1.24
N HIS B 74 2.93 9.36 -1.49
CA HIS B 74 1.96 10.15 -2.26
C HIS B 74 1.25 11.25 -1.49
N THR B 75 1.30 11.23 -0.16
CA THR B 75 0.85 12.36 0.66
C THR B 75 1.86 12.69 1.74
N MET B 76 1.92 13.97 2.10
CA MET B 76 2.71 14.39 3.24
C MET B 76 1.89 14.77 4.46
N ILE B 77 0.57 14.55 4.44
CA ILE B 77 -0.22 15.07 5.56
C ILE B 77 -0.16 14.17 6.80
N GLY B 78 0.34 12.94 6.66
CA GLY B 78 0.52 12.08 7.82
C GLY B 78 -0.73 11.34 8.27
N MET B 79 -0.54 10.41 9.21
N MET B 79 -0.57 10.43 9.23
CA MET B 79 -1.64 9.52 9.60
CA MET B 79 -1.69 9.64 9.72
C MET B 79 -2.75 10.24 10.35
C MET B 79 -2.66 10.47 10.56
N LYS B 80 -2.40 11.16 11.24
N LYS B 80 -2.14 11.45 11.31
CA LYS B 80 -3.42 11.88 12.01
CA LYS B 80 -2.96 12.37 12.12
C LYS B 80 -4.35 12.68 11.11
C LYS B 80 -3.52 13.55 11.34
N ARG B 81 -3.81 13.32 10.07
CA ARG B 81 -4.66 14.15 9.23
C ARG B 81 -5.37 13.28 8.19
N LEU B 82 -4.78 12.14 7.85
CA LEU B 82 -5.54 11.13 7.09
C LEU B 82 -6.73 10.62 7.91
N ASN B 83 -6.50 10.33 9.19
CA ASN B 83 -7.59 9.90 10.06
C ASN B 83 -8.66 10.98 10.15
N ASN B 84 -8.24 12.23 10.25
CA ASN B 84 -9.21 13.32 10.24
C ASN B 84 -10.00 13.41 8.96
N LEU B 85 -9.36 13.25 7.82
CA LEU B 85 -10.07 13.28 6.55
C LEU B 85 -11.10 12.15 6.51
N GLN B 86 -10.72 10.97 6.99
CA GLN B 86 -11.65 9.84 7.05
C GLN B 86 -12.84 10.14 7.95
N HIS B 87 -12.57 10.69 9.12
CA HIS B 87 -13.63 11.14 10.03
C HIS B 87 -14.62 12.08 9.38
N CYS B 88 -14.10 13.09 8.69
CA CYS B 88 -14.96 14.08 8.08
C CYS B 88 -15.79 13.49 6.95
N VAL B 89 -15.19 12.69 6.09
CA VAL B 89 -15.94 12.11 4.98
C VAL B 89 -16.97 11.10 5.48
N GLU B 90 -16.58 10.21 6.40
CA GLU B 90 -17.54 9.26 6.95
C GLU B 90 -18.68 9.94 7.70
N SER B 91 -18.39 11.03 8.41
CA SER B 91 -19.44 11.73 9.13
C SER B 91 -20.42 12.36 8.15
N ALA B 92 -19.91 12.93 7.07
CA ALA B 92 -20.75 13.53 6.06
C ALA B 92 -21.65 12.47 5.42
N LEU B 93 -21.08 11.31 5.11
CA LEU B 93 -21.85 10.21 4.53
C LEU B 93 -22.93 9.75 5.51
N ARG B 94 -22.51 9.52 6.75
CA ARG B 94 -23.40 9.03 7.80
C ARG B 94 -24.58 9.97 8.02
N ASP B 95 -24.28 11.27 8.06
CA ASP B 95 -25.26 12.27 8.47
C ASP B 95 -26.05 12.82 7.28
N GLY B 96 -25.72 12.36 6.08
CA GLY B 96 -26.42 12.80 4.89
C GLY B 96 -26.15 14.25 4.51
N VAL B 97 -24.95 14.72 4.81
CA VAL B 97 -24.52 16.05 4.40
C VAL B 97 -24.25 16.03 2.91
N PRO B 98 -25.01 16.84 2.14
CA PRO B 98 -24.87 16.81 0.69
C PRO B 98 -23.53 17.36 0.22
N GLY B 99 -23.01 16.81 -0.87
CA GLY B 99 -21.90 17.45 -1.54
C GLY B 99 -20.67 16.62 -1.82
N ASP B 100 -19.75 17.26 -2.54
CA ASP B 100 -18.53 16.64 -3.02
C ASP B 100 -17.38 16.85 -2.03
N VAL B 101 -16.22 16.29 -2.35
CA VAL B 101 -15.01 16.52 -1.57
C VAL B 101 -14.06 17.32 -2.44
N LEU B 102 -13.54 18.42 -1.91
CA LEU B 102 -12.54 19.23 -2.61
C LEU B 102 -11.28 19.37 -1.77
N GLU B 103 -10.12 19.09 -2.36
CA GLU B 103 -8.86 19.45 -1.73
C GLU B 103 -8.19 20.51 -2.59
N THR B 104 -7.80 21.60 -1.95
CA THR B 104 -7.07 22.65 -2.65
C THR B 104 -5.60 22.59 -2.21
N GLY B 105 -4.77 22.02 -3.09
CA GLY B 105 -3.37 21.79 -2.79
C GLY B 105 -3.19 20.30 -2.55
N VAL B 106 -2.76 19.58 -3.58
CA VAL B 106 -2.86 18.12 -3.55
C VAL B 106 -1.50 17.40 -3.68
N TRP B 107 -0.47 18.13 -4.11
CA TRP B 107 0.87 17.58 -4.35
C TRP B 107 0.78 16.30 -5.20
N ARG B 108 1.21 15.16 -4.68
CA ARG B 108 1.21 13.92 -5.46
C ARG B 108 -0.15 13.22 -5.49
N GLY B 109 -1.09 13.76 -4.71
CA GLY B 109 -2.47 13.32 -4.78
C GLY B 109 -2.95 12.35 -3.73
N GLY B 110 -2.07 11.97 -2.81
CA GLY B 110 -2.37 10.94 -1.83
C GLY B 110 -3.61 11.16 -0.98
N ALA B 111 -3.83 12.38 -0.53
CA ALA B 111 -5.01 12.66 0.28
C ALA B 111 -6.28 12.53 -0.55
N CYS B 112 -6.24 12.99 -1.80
CA CYS B 112 -7.40 12.84 -2.70
C CYS B 112 -7.63 11.41 -3.14
N ILE B 113 -6.54 10.66 -3.33
CA ILE B 113 -6.64 9.22 -3.58
C ILE B 113 -7.36 8.56 -2.42
N PHE B 114 -6.95 8.91 -1.20
CA PHE B 114 -7.62 8.34 -0.04
C PHE B 114 -9.09 8.74 0.02
N ALA B 115 -9.39 10.00 -0.26
CA ALA B 115 -10.78 10.45 -0.30
C ALA B 115 -11.62 9.64 -1.30
N ARG B 116 -11.08 9.41 -2.50
CA ARG B 116 -11.81 8.63 -3.50
C ARG B 116 -11.99 7.21 -2.99
N GLY B 117 -10.97 6.68 -2.30
CA GLY B 117 -11.03 5.34 -1.74
C GLY B 117 -12.14 5.20 -0.71
N ILE B 118 -12.34 6.24 0.09
CA ILE B 118 -13.41 6.22 1.09
C ILE B 118 -14.76 6.07 0.38
N LEU B 119 -14.98 6.88 -0.65
CA LEU B 119 -16.23 6.78 -1.39
C LEU B 119 -16.37 5.41 -2.04
N LYS B 120 -15.27 4.89 -2.57
CA LYS B 120 -15.24 3.60 -3.23
C LYS B 120 -15.64 2.51 -2.24
N ALA B 121 -15.10 2.59 -1.03
CA ALA B 121 -15.33 1.57 0.00
C ALA B 121 -16.81 1.47 0.38
N TYR B 122 -17.50 2.60 0.39
CA TYR B 122 -18.92 2.60 0.75
C TYR B 122 -19.84 2.59 -0.48
N ASP B 123 -19.25 2.33 -1.64
CA ASP B 123 -19.98 2.24 -2.92
C ASP B 123 -20.82 3.49 -3.14
N VAL B 124 -20.22 4.65 -2.87
CA VAL B 124 -20.87 5.92 -3.11
C VAL B 124 -20.68 6.32 -4.56
N ARG B 125 -21.79 6.47 -5.29
CA ARG B 125 -21.72 6.69 -6.72
C ARG B 125 -22.14 8.11 -7.11
N ASP B 126 -22.55 8.91 -6.14
CA ASP B 126 -23.11 10.22 -6.45
C ASP B 126 -22.35 11.39 -5.82
N ARG B 127 -21.07 11.18 -5.53
CA ARG B 127 -20.20 12.23 -5.01
C ARG B 127 -18.88 12.20 -5.76
N THR B 128 -18.27 13.37 -5.91
CA THR B 128 -17.04 13.52 -6.66
C THR B 128 -15.90 14.02 -5.79
N VAL B 129 -14.68 13.56 -6.06
CA VAL B 129 -13.51 14.14 -5.44
C VAL B 129 -12.88 15.11 -6.44
N TRP B 130 -12.85 16.39 -6.04
CA TRP B 130 -12.27 17.46 -6.86
C TRP B 130 -10.82 17.70 -6.42
N VAL B 131 -9.92 17.65 -7.39
CA VAL B 131 -8.48 17.70 -7.16
C VAL B 131 -7.95 19.01 -7.73
N ALA B 132 -7.71 20.00 -6.86
CA ALA B 132 -7.37 21.34 -7.32
C ALA B 132 -5.94 21.72 -7.00
N ASP B 133 -5.18 22.12 -8.01
CA ASP B 133 -3.78 22.47 -7.81
C ASP B 133 -3.25 23.19 -9.03
N SER B 134 -2.22 24.00 -8.84
CA SER B 134 -1.51 24.58 -9.98
C SER B 134 -0.84 23.49 -10.80
N PHE B 135 -0.54 22.38 -10.13
CA PHE B 135 0.27 21.28 -10.66
C PHE B 135 1.65 21.79 -11.07
N GLN B 136 2.06 22.88 -10.42
CA GLN B 136 3.32 23.56 -10.69
C GLN B 136 4.03 24.00 -9.41
N GLY B 137 3.51 23.62 -8.24
CA GLY B 137 4.09 24.09 -7.00
C GLY B 137 3.59 25.48 -6.60
N PHE B 138 4.24 26.07 -5.60
CA PHE B 138 3.88 27.42 -5.16
C PHE B 138 4.16 28.47 -6.22
N PRO B 139 3.33 29.52 -6.30
CA PRO B 139 3.54 30.58 -7.29
C PRO B 139 4.68 31.51 -6.91
N LYS B 140 5.32 32.10 -7.92
CA LYS B 140 6.33 33.12 -7.67
C LYS B 140 5.62 34.31 -7.03
N ILE B 141 6.24 34.92 -6.03
CA ILE B 141 5.67 36.09 -5.38
C ILE B 141 5.62 37.33 -6.29
N THR B 142 4.53 38.08 -6.20
CA THR B 142 4.37 39.34 -6.93
C THR B 142 4.12 40.46 -5.94
N ASP B 143 4.02 41.69 -6.44
CA ASP B 143 3.75 42.85 -5.58
C ASP B 143 2.32 42.82 -5.03
N ASP B 144 1.47 41.99 -5.62
CA ASP B 144 0.07 41.89 -5.20
C ASP B 144 -0.11 41.01 -3.97
N ASP B 145 0.89 40.20 -3.66
CA ASP B 145 0.87 39.29 -2.52
C ASP B 145 0.85 39.97 -1.16
N HIS B 146 0.17 39.31 -0.22
CA HIS B 146 0.13 39.71 1.17
C HIS B 146 1.56 39.78 1.69
N PRO B 147 1.87 40.79 2.52
CA PRO B 147 3.25 40.93 3.03
C PRO B 147 3.77 39.67 3.73
N MET B 148 2.90 38.95 4.42
CA MET B 148 3.35 37.72 5.09
C MET B 148 3.70 36.63 4.09
N ASP B 149 2.99 36.60 2.96
CA ASP B 149 3.31 35.65 1.90
C ASP B 149 4.62 36.02 1.20
N ALA B 150 4.83 37.31 1.01
CA ALA B 150 6.06 37.78 0.39
C ALA B 150 7.28 37.41 1.24
N GLU B 151 7.17 37.63 2.55
CA GLU B 151 8.25 37.30 3.49
C GLU B 151 8.57 35.82 3.48
N MET B 152 7.51 35.01 3.56
CA MET B 152 7.65 33.57 3.67
C MET B 152 8.16 32.98 2.36
N ASN B 153 7.73 33.56 1.23
CA ASN B 153 8.16 33.14 -0.10
C ASN B 153 8.22 31.63 -0.28
N LEU B 154 7.07 30.97 -0.15
CA LEU B 154 7.00 29.50 -0.27
C LEU B 154 7.60 28.95 -1.57
N HIS B 155 7.52 29.74 -2.65
CA HIS B 155 8.14 29.44 -3.93
C HIS B 155 9.59 28.98 -3.82
N GLN B 156 10.32 29.50 -2.83
CA GLN B 156 11.73 29.12 -2.68
C GLN B 156 11.92 27.63 -2.42
N TYR B 157 10.88 26.95 -1.94
CA TYR B 157 11.02 25.55 -1.52
C TYR B 157 10.61 24.53 -2.57
N ASN B 158 10.09 24.96 -3.72
CA ASN B 158 9.49 24.03 -4.68
C ASN B 158 10.34 22.81 -5.02
N ALA B 159 11.53 23.03 -5.59
CA ALA B 159 12.39 21.91 -5.97
C ALA B 159 12.92 21.15 -4.76
N ALA B 160 13.19 21.87 -3.68
CA ALA B 160 13.81 21.25 -2.50
C ALA B 160 12.97 20.12 -1.93
N VAL B 161 11.64 20.24 -1.99
CA VAL B 161 10.79 19.16 -1.47
C VAL B 161 9.97 18.49 -2.58
N ASP B 162 10.42 18.69 -3.82
CA ASP B 162 9.84 18.08 -5.02
C ASP B 162 8.33 18.35 -5.10
N LEU B 163 7.97 19.62 -4.92
CA LEU B 163 6.56 19.95 -4.76
C LEU B 163 5.84 20.02 -6.13
N PRO B 164 6.46 20.65 -7.16
CA PRO B 164 5.75 20.66 -8.45
C PRO B 164 5.46 19.25 -8.96
N THR B 165 4.18 18.96 -9.15
CA THR B 165 3.77 17.62 -9.55
C THR B 165 2.69 17.77 -10.61
N SER B 166 2.94 17.26 -11.80
CA SER B 166 2.06 17.51 -12.93
C SER B 166 0.72 16.80 -12.79
N LEU B 167 -0.27 17.28 -13.53
CA LEU B 167 -1.57 16.62 -13.60
C LEU B 167 -1.43 15.17 -14.07
N ALA B 168 -0.58 14.95 -15.08
CA ALA B 168 -0.36 13.61 -15.62
C ALA B 168 0.19 12.68 -14.53
N THR B 169 1.10 13.19 -13.72
CA THR B 169 1.67 12.39 -12.64
C THR B 169 0.62 12.07 -11.57
N VAL B 170 -0.20 13.06 -11.22
CA VAL B 170 -1.23 12.81 -10.23
C VAL B 170 -2.25 11.77 -10.76
N GLN B 171 -2.63 11.89 -12.03
CA GLN B 171 -3.50 10.89 -12.65
C GLN B 171 -2.87 9.50 -12.64
N ARG B 172 -1.59 9.44 -13.00
CA ARG B 172 -0.82 8.20 -12.91
C ARG B 172 -0.97 7.58 -11.54
N ASN B 173 -0.80 8.41 -10.51
CA ASN B 173 -0.83 7.92 -9.16
C ASN B 173 -2.21 7.38 -8.78
N PHE B 174 -3.31 8.07 -9.15
CA PHE B 174 -4.59 7.44 -8.81
C PHE B 174 -4.74 6.09 -9.49
N SER B 175 -4.27 5.98 -10.73
N SER B 175 -4.26 5.98 -10.73
CA SER B 175 -4.42 4.75 -11.49
CA SER B 175 -4.41 4.76 -11.50
C SER B 175 -3.74 3.56 -10.81
C SER B 175 -3.74 3.57 -10.82
N ARG B 176 -2.63 3.83 -10.12
CA ARG B 176 -1.91 2.75 -9.47
C ARG B 176 -2.72 2.11 -8.34
N TYR B 177 -3.65 2.86 -7.78
CA TYR B 177 -4.54 2.36 -6.73
C TYR B 177 -5.85 1.83 -7.32
N GLY B 178 -6.03 1.98 -8.63
CA GLY B 178 -7.27 1.59 -9.29
C GLY B 178 -8.41 2.56 -8.98
N LEU B 179 -8.07 3.81 -8.73
CA LEU B 179 -9.06 4.79 -8.30
C LEU B 179 -9.20 5.99 -9.23
N LEU B 180 -8.69 5.88 -10.46
CA LEU B 180 -8.89 6.94 -11.42
C LEU B 180 -10.16 6.64 -12.22
N ASP B 181 -11.23 7.39 -11.97
CA ASP B 181 -12.48 7.22 -12.70
C ASP B 181 -13.24 8.54 -12.78
N ASP B 182 -14.49 8.50 -13.25
N ASP B 182 -14.47 8.50 -13.28
CA ASP B 182 -15.26 9.72 -13.52
CA ASP B 182 -15.23 9.73 -13.53
C ASP B 182 -15.78 10.40 -12.25
C ASP B 182 -15.57 10.50 -12.25
N GLN B 183 -15.47 9.82 -11.10
CA GLN B 183 -15.72 10.48 -9.82
C GLN B 183 -14.49 11.19 -9.27
N VAL B 184 -13.46 11.29 -10.09
CA VAL B 184 -12.31 12.12 -9.78
C VAL B 184 -12.22 13.19 -10.86
N ARG B 185 -12.36 14.45 -10.45
CA ARG B 185 -12.28 15.55 -11.41
C ARG B 185 -11.20 16.53 -11.00
N PHE B 186 -10.54 17.12 -11.99
CA PHE B 186 -9.34 17.92 -11.76
C PHE B 186 -9.60 19.37 -12.10
N LEU B 187 -9.02 20.24 -11.28
CA LEU B 187 -9.13 21.68 -11.46
C LEU B 187 -7.73 22.27 -11.56
N PRO B 188 -7.11 22.21 -12.74
CA PRO B 188 -5.75 22.69 -12.88
C PRO B 188 -5.68 24.21 -13.00
N GLY B 189 -4.86 24.84 -12.16
CA GLY B 189 -4.63 26.26 -12.25
C GLY B 189 -4.46 26.90 -10.88
N TRP B 190 -4.22 28.19 -10.86
CA TRP B 190 -4.07 28.91 -9.59
C TRP B 190 -5.47 29.06 -9.01
N PHE B 191 -5.59 28.92 -7.69
CA PHE B 191 -6.90 28.94 -7.03
C PHE B 191 -7.70 30.21 -7.32
N LYS B 192 -7.01 31.35 -7.45
CA LYS B 192 -7.75 32.60 -7.71
C LYS B 192 -8.47 32.54 -9.06
N ASP B 193 -7.96 31.68 -9.95
CA ASP B 193 -8.47 31.50 -11.30
C ASP B 193 -9.51 30.38 -11.37
N THR B 194 -9.27 29.29 -10.65
CA THR B 194 -10.10 28.09 -10.80
C THR B 194 -11.30 28.04 -9.86
N MET B 195 -11.18 28.62 -8.68
CA MET B 195 -12.23 28.49 -7.68
C MET B 195 -13.55 29.22 -7.99
N PRO B 196 -13.51 30.50 -8.45
CA PRO B 196 -14.80 31.18 -8.58
C PRO B 196 -15.80 30.48 -9.51
N THR B 197 -15.31 29.84 -10.57
CA THR B 197 -16.22 29.19 -11.51
C THR B 197 -16.05 27.67 -11.56
N ALA B 198 -15.40 27.08 -10.55
CA ALA B 198 -15.32 25.63 -10.48
C ALA B 198 -16.74 25.05 -10.54
N PRO B 199 -16.94 24.00 -11.34
N PRO B 199 -16.92 24.01 -11.37
CA PRO B 199 -18.32 23.62 -11.65
CA PRO B 199 -18.24 23.46 -11.66
C PRO B 199 -19.12 22.91 -10.54
C PRO B 199 -18.73 22.41 -10.66
N PHE B 200 -18.54 22.66 -9.37
CA PHE B 200 -19.29 21.93 -8.34
C PHE B 200 -20.36 22.82 -7.72
N GLU B 201 -21.47 22.22 -7.30
CA GLU B 201 -22.56 22.98 -6.72
C GLU B 201 -22.51 22.99 -5.20
N ARG B 202 -22.13 21.86 -4.61
CA ARG B 202 -22.08 21.75 -3.16
C ARG B 202 -20.92 20.89 -2.69
N LEU B 203 -20.38 21.23 -1.52
CA LEU B 203 -19.30 20.47 -0.91
C LEU B 203 -19.73 19.93 0.45
N ALA B 204 -19.34 18.70 0.75
CA ALA B 204 -19.49 18.14 2.09
C ALA B 204 -18.19 18.26 2.89
N VAL B 205 -17.06 18.24 2.18
CA VAL B 205 -15.75 18.42 2.81
C VAL B 205 -14.88 19.33 1.95
N LEU B 206 -14.38 20.39 2.56
CA LEU B 206 -13.47 21.34 1.93
C LEU B 206 -12.14 21.27 2.63
N ARG B 207 -11.14 20.71 1.96
CA ARG B 207 -9.84 20.49 2.58
C ARG B 207 -8.82 21.44 1.96
N MET B 208 -8.32 22.38 2.75
CA MET B 208 -7.44 23.43 2.29
C MET B 208 -5.99 23.15 2.68
N ASP B 209 -5.11 23.07 1.70
CA ASP B 209 -3.72 22.72 1.99
C ASP B 209 -2.82 23.46 1.00
N GLY B 210 -2.99 24.78 0.97
CA GLY B 210 -2.22 25.65 0.10
C GLY B 210 -1.27 26.60 0.79
N ASP B 211 -1.25 26.58 2.14
CA ASP B 211 -0.15 27.15 2.95
C ASP B 211 -0.20 28.66 3.18
N SER B 212 -0.44 29.42 2.12
CA SER B 212 -0.31 30.88 2.16
C SER B 212 -1.57 31.59 2.58
N TYR B 213 -1.42 32.86 2.98
CA TYR B 213 -2.58 33.73 3.13
C TYR B 213 -3.41 33.69 1.86
N GLY B 214 -2.73 33.89 0.73
CA GLY B 214 -3.41 34.02 -0.54
C GLY B 214 -4.23 32.81 -0.93
N ALA B 215 -3.59 31.63 -0.88
CA ALA B 215 -4.27 30.40 -1.26
C ALA B 215 -5.45 30.09 -0.33
N THR B 216 -5.28 30.41 0.94
CA THR B 216 -6.29 30.15 1.94
C THR B 216 -7.47 31.11 1.72
N MET B 217 -7.17 32.39 1.52
CA MET B 217 -8.22 33.37 1.27
C MET B 217 -8.90 33.14 -0.07
N ASP B 218 -8.15 32.71 -1.10
CA ASP B 218 -8.75 32.37 -2.39
C ASP B 218 -9.86 31.35 -2.22
N VAL B 219 -9.55 30.29 -1.50
CA VAL B 219 -10.44 29.15 -1.40
C VAL B 219 -11.57 29.40 -0.40
N LEU B 220 -11.28 30.03 0.73
CA LEU B 220 -12.36 30.43 1.64
C LEU B 220 -13.33 31.35 0.92
N THR B 221 -12.80 32.35 0.21
CA THR B 221 -13.67 33.28 -0.49
C THR B 221 -14.56 32.61 -1.51
N HIS B 222 -13.97 31.75 -2.33
CA HIS B 222 -14.69 31.28 -3.52
C HIS B 222 -15.26 29.87 -3.44
N ALA B 223 -14.80 29.05 -2.50
CA ALA B 223 -15.33 27.69 -2.36
C ALA B 223 -16.14 27.48 -1.09
N TYR B 224 -15.78 28.15 0.01
CA TYR B 224 -16.45 27.91 1.29
C TYR B 224 -17.99 28.15 1.25
N PRO B 225 -18.47 29.18 0.52
CA PRO B 225 -19.93 29.38 0.51
C PRO B 225 -20.72 28.17 -0.02
N ARG B 226 -20.08 27.31 -0.79
CA ARG B 226 -20.71 26.08 -1.27
C ARG B 226 -20.59 24.90 -0.31
N LEU B 227 -19.95 25.12 0.84
CA LEU B 227 -19.86 24.06 1.83
C LEU B 227 -21.22 23.92 2.54
N SER B 228 -21.79 22.73 2.48
CA SER B 228 -23.09 22.46 3.09
C SER B 228 -23.11 22.67 4.60
N PRO B 229 -24.28 23.01 5.15
CA PRO B 229 -24.43 22.93 6.60
C PRO B 229 -24.09 21.52 7.07
N GLY B 230 -23.30 21.40 8.13
CA GLY B 230 -22.87 20.09 8.58
C GLY B 230 -21.61 19.62 7.89
N GLY B 231 -21.15 20.38 6.91
CA GLY B 231 -19.92 20.05 6.19
C GLY B 231 -18.68 20.43 6.98
N PHE B 232 -17.52 19.96 6.52
CA PHE B 232 -16.27 20.15 7.23
C PHE B 232 -15.30 21.02 6.46
N ALA B 233 -14.71 21.99 7.16
CA ALA B 233 -13.66 22.82 6.62
C ALA B 233 -12.37 22.47 7.33
N ILE B 234 -11.40 21.94 6.59
CA ILE B 234 -10.14 21.50 7.14
C ILE B 234 -9.06 22.48 6.72
N ILE B 235 -8.36 23.05 7.69
CA ILE B 235 -7.23 23.94 7.43
C ILE B 235 -5.95 23.19 7.76
N ASP B 236 -5.29 22.63 6.74
CA ASP B 236 -4.14 21.79 6.96
C ASP B 236 -2.97 22.55 7.60
N ASP B 237 -2.86 23.83 7.24
CA ASP B 237 -1.64 24.61 7.42
C ASP B 237 -1.80 25.68 8.51
N TYR B 238 -2.69 25.43 9.46
CA TYR B 238 -3.09 26.45 10.42
C TYR B 238 -1.90 26.92 11.29
N CYS B 239 -0.87 26.08 11.43
CA CYS B 239 0.32 26.47 12.17
C CYS B 239 1.13 27.58 11.47
N ILE B 240 0.89 27.80 10.19
CA ILE B 240 1.59 28.86 9.46
C ILE B 240 0.88 30.20 9.71
N PRO B 241 1.61 31.21 10.21
CA PRO B 241 0.94 32.47 10.56
C PRO B 241 0.12 33.10 9.42
N ALA B 242 0.63 33.09 8.19
CA ALA B 242 -0.09 33.69 7.07
C ALA B 242 -1.42 32.99 6.81
N CYS B 243 -1.41 31.66 6.90
CA CYS B 243 -2.62 30.88 6.74
C CYS B 243 -3.63 31.22 7.83
N ARG B 244 -3.15 31.24 9.06
CA ARG B 244 -4.01 31.49 10.19
C ARG B 244 -4.62 32.90 10.10
N GLU B 245 -3.83 33.84 9.60
N GLU B 245 -3.85 33.87 9.62
CA GLU B 245 -4.29 35.22 9.41
CA GLU B 245 -4.37 35.22 9.45
C GLU B 245 -5.48 35.28 8.45
C GLU B 245 -5.54 35.23 8.49
N ALA B 246 -5.41 34.50 7.37
CA ALA B 246 -6.50 34.43 6.41
C ALA B 246 -7.74 33.80 7.02
N VAL B 247 -7.54 32.74 7.79
CA VAL B 247 -8.66 32.06 8.44
C VAL B 247 -9.41 33.02 9.37
N HIS B 248 -8.70 33.74 10.21
CA HIS B 248 -9.43 34.61 11.12
C HIS B 248 -10.03 35.83 10.43
N GLU B 249 -9.36 36.35 9.41
CA GLU B 249 -9.94 37.45 8.66
C GLU B 249 -11.26 37.00 8.02
N TYR B 250 -11.27 35.81 7.43
CA TYR B 250 -12.45 35.31 6.73
C TYR B 250 -13.59 35.05 7.73
N ARG B 251 -13.26 34.35 8.82
CA ARG B 251 -14.27 34.05 9.84
C ARG B 251 -14.87 35.32 10.45
N ASP B 252 -14.03 36.32 10.71
N ASP B 252 -14.04 36.32 10.71
CA ASP B 252 -14.52 37.59 11.24
CA ASP B 252 -14.53 37.59 11.26
C ASP B 252 -15.48 38.27 10.27
C ASP B 252 -15.47 38.28 10.27
N ARG B 253 -15.08 38.31 9.01
CA ARG B 253 -15.89 38.93 7.97
C ARG B 253 -17.29 38.32 7.86
N HIS B 254 -17.36 37.01 7.99
CA HIS B 254 -18.63 36.29 7.79
C HIS B 254 -19.35 35.91 9.08
N GLY B 255 -18.80 36.31 10.22
CA GLY B 255 -19.41 36.02 11.49
C GLY B 255 -19.44 34.53 11.80
N ILE B 256 -18.37 33.84 11.42
CA ILE B 256 -18.27 32.40 11.65
C ILE B 256 -17.63 32.15 13.01
N SER B 257 -18.35 31.45 13.87
CA SER B 257 -17.88 31.18 15.24
C SER B 257 -17.77 29.68 15.55
N ASP B 258 -17.88 28.86 14.51
CA ASP B 258 -17.78 27.41 14.67
C ASP B 258 -16.44 27.02 15.29
N GLU B 259 -16.48 26.18 16.33
CA GLU B 259 -15.28 25.78 17.07
C GLU B 259 -14.16 25.28 16.16
N ILE B 260 -12.98 25.85 16.35
CA ILE B 260 -11.77 25.41 15.68
C ILE B 260 -11.14 24.29 16.48
N VAL B 261 -11.10 23.08 15.90
CA VAL B 261 -10.67 21.89 16.59
C VAL B 261 -9.30 21.43 16.07
N GLU B 262 -8.32 21.28 16.96
CA GLU B 262 -7.02 20.75 16.53
C GLU B 262 -6.99 19.28 16.17
N ILE B 263 -6.20 18.98 15.14
CA ILE B 263 -5.99 17.62 14.70
C ILE B 263 -4.63 17.11 15.19
N ASP B 264 -3.58 17.88 14.90
CA ASP B 264 -2.21 17.53 15.29
C ASP B 264 -1.43 18.83 15.50
N ARG B 265 -0.14 18.87 15.15
CA ARG B 265 0.58 20.11 15.38
C ARG B 265 0.52 21.05 14.18
N GLN B 266 -0.20 20.66 13.13
CA GLN B 266 -0.32 21.54 11.96
C GLN B 266 -1.77 21.91 11.66
N GLY B 267 -2.64 20.91 11.60
CA GLY B 267 -3.97 21.12 11.06
C GLY B 267 -5.08 21.31 12.09
N VAL B 268 -6.12 22.02 11.66
CA VAL B 268 -7.35 22.18 12.44
C VAL B 268 -8.53 22.00 11.50
N TYR B 269 -9.74 21.90 12.06
CA TYR B 269 -10.92 21.94 11.22
C TYR B 269 -12.07 22.54 11.99
N TRP B 270 -13.12 22.92 11.29
CA TRP B 270 -14.38 23.15 11.97
C TRP B 270 -15.52 22.54 11.17
N ARG B 271 -16.68 22.39 11.81
CA ARG B 271 -17.84 21.86 11.13
C ARG B 271 -18.83 23.00 11.00
N ARG B 272 -19.32 23.23 9.78
CA ARG B 272 -20.14 24.39 9.51
C ARG B 272 -21.54 24.23 10.07
N SER B 273 -21.93 25.18 10.92
CA SER B 273 -23.30 25.22 11.42
C SER B 273 -24.13 26.17 10.58
N ALA B 274 -23.54 27.29 10.18
CA ALA B 274 -24.23 28.31 9.40
C ALA B 274 -23.62 28.47 8.02
#